data_6EPN
#
_entry.id   6EPN
#
_cell.length_a   149.990
_cell.length_b   149.990
_cell.length_c   201.070
_cell.angle_alpha   90.00
_cell.angle_beta   90.00
_cell.angle_gamma   90.00
#
_symmetry.space_group_name_H-M   'I 4 2 2'
#
loop_
_entity.id
_entity.type
_entity.pdbx_description
1 polymer 'GTPase KRas'
2 polymer 'Son of sevenless homolog 1'
3 non-polymer GLYCEROL
4 non-polymer 1-(3,4-dihydro-1~{H}-isoquinolin-2-yl)-2-oxidanyl-ethanone
5 non-polymer 'DIMETHYL SULFOXIDE'
6 water water
#
loop_
_entity_poly.entity_id
_entity_poly.type
_entity_poly.pdbx_seq_one_letter_code
_entity_poly.pdbx_strand_id
1 'polypeptide(L)'
;GMTEYKLVVVGACGVGKSALTIQLIQNHFVDEYDPTIEDSYRKQVVIDGETCLLDILDTAGQEEYSAMRDQYMRTGEGFL
CVFAINNTKSFEDIHHYREQIKRVKDSEDVPMVLVGNKSDLPSRTVESRQAQDLARSYGIPFIETSAKTRQGVDDAFYTL
VREIRKHKEK
;
R
2 'polypeptide(L)'
;GEEQMRLPSADVYRFAEPDSEENIIFEENMQPKAGIPIIKAGTVIKLIERLTYHMYADPNFVRTFLTTYRSFCKPQELLS
LIIERFEIPEPEPTEADRIAIENGDQPLSAELKRFRKEYIQPVQLRVLNVCRHWVEHHFYDFERDAYLLQRMEEFIGTVR
GKAMKKWVESITKIIQRKKIARDNGPGHNITFQSSPPTVEWHISRPGHIETFDLLTLHPIEIARQLTLLESDLYRAVQPS
ELVGSVWTKEDKEINSPNLLKMIRHTTNLTLWFEKCIVETENLEERVAVVSRIIEILQVFQELNNFNGVLEVVSAMNSSP
VYRLDHTFEQIPSRQKKILEEAHELSEDHYKKYLAKLRSINPPCVPFFGIYLTNILKTEEGNPEVLKRHGKELINFSKRR
KVAEITGEIQQYQNQPYCLRVESDIKRFFENLNPMGNSMEKEFTDYLFNKSLEIEPRNPKPLPRFPKKYSYPLKSPGVRP
SNPRPGT
;
S
#
# COMPACT_ATOMS: atom_id res chain seq x y z
N MET A 2 15.81 25.42 15.58
CA MET A 2 15.75 25.21 14.10
C MET A 2 14.30 25.09 13.62
N THR A 3 13.92 25.99 12.71
CA THR A 3 12.59 25.98 12.13
C THR A 3 12.37 24.73 11.29
N GLU A 4 11.20 24.13 11.46
CA GLU A 4 10.82 22.91 10.75
C GLU A 4 9.59 23.26 9.90
N TYR A 5 9.64 22.86 8.63
CA TYR A 5 8.57 23.12 7.65
C TYR A 5 7.91 21.81 7.26
N LYS A 6 6.61 21.70 7.52
CA LYS A 6 5.84 20.52 7.15
C LYS A 6 5.25 20.77 5.76
N LEU A 7 5.84 20.11 4.78
CA LEU A 7 5.47 20.24 3.38
C LEU A 7 4.67 19.02 2.98
N VAL A 8 3.69 19.22 2.09
CA VAL A 8 2.84 18.11 1.62
C VAL A 8 2.83 18.10 0.10
N VAL A 9 3.10 16.93 -0.46
CA VAL A 9 3.11 16.73 -1.90
C VAL A 9 1.75 16.15 -2.31
N VAL A 10 1.14 16.71 -3.34
CA VAL A 10 -0.16 16.22 -3.84
C VAL A 10 -0.19 16.19 -5.34
N GLY A 11 -1.00 15.29 -5.89
CA GLY A 11 -1.10 15.16 -7.34
C GLY A 11 -1.70 13.85 -7.74
N ALA A 12 -2.06 13.73 -9.02
CA ALA A 12 -2.59 12.48 -9.58
C ALA A 12 -1.57 11.33 -9.52
N CYS A 13 -2.06 10.10 -9.56
CA CYS A 13 -1.18 8.92 -9.73
C CYS A 13 -0.59 8.85 -11.15
N GLY A 14 0.49 8.09 -11.34
CA GLY A 14 1.23 8.05 -12.62
C GLY A 14 1.69 9.43 -13.06
N VAL A 15 2.76 9.90 -12.41
CA VAL A 15 3.08 11.35 -12.32
C VAL A 15 4.51 11.67 -11.79
N GLY A 16 5.07 10.77 -10.96
CA GLY A 16 6.44 10.87 -10.47
C GLY A 16 6.53 11.65 -9.17
N LYS A 17 5.44 11.78 -8.43
CA LYS A 17 5.45 12.49 -7.15
C LYS A 17 6.55 11.93 -6.26
N SER A 18 6.60 10.60 -6.24
CA SER A 18 7.57 9.83 -5.45
C SER A 18 8.98 10.26 -5.77
N ALA A 19 9.28 10.25 -7.07
CA ALA A 19 10.62 10.56 -7.56
C ALA A 19 11.05 11.93 -7.10
N LEU A 20 10.13 12.88 -7.13
CA LEU A 20 10.44 14.22 -6.70
C LEU A 20 11.00 14.24 -5.27
N THR A 21 10.26 13.64 -4.34
CA THR A 21 10.62 13.66 -2.93
C THR A 21 11.82 12.76 -2.69
N ILE A 22 11.81 11.59 -3.31
CA ILE A 22 12.94 10.67 -3.20
C ILE A 22 14.23 11.36 -3.64
N GLN A 23 14.20 12.04 -4.79
CA GLN A 23 15.39 12.72 -5.32
C GLN A 23 15.85 13.87 -4.41
N LEU A 24 14.93 14.57 -3.76
CA LEU A 24 15.33 15.59 -2.78
C LEU A 24 16.07 14.94 -1.63
N ILE A 25 15.46 13.92 -1.02
CA ILE A 25 15.99 13.33 0.20
C ILE A 25 17.29 12.60 -0.04
N GLN A 26 17.31 11.74 -1.05
CA GLN A 26 18.46 10.85 -1.19
C GLN A 26 19.68 11.68 -1.58
N ASN A 27 20.85 11.22 -1.16
CA ASN A 27 22.11 11.87 -1.49
C ASN A 27 22.19 12.04 -3.00
N HIS A 28 22.90 13.07 -3.43
CA HIS A 28 22.95 13.43 -4.85
C HIS A 28 23.46 12.27 -5.75
N PHE A 29 24.25 11.34 -5.19
CA PHE A 29 24.91 10.25 -5.95
C PHE A 29 24.71 8.80 -5.46
N VAL A 30 23.84 8.60 -4.47
CA VAL A 30 23.41 7.23 -4.09
C VAL A 30 22.00 7.01 -4.64
N ASP A 31 21.79 5.85 -5.27
CA ASP A 31 20.46 5.40 -5.67
C ASP A 31 20.10 4.24 -4.72
N GLU A 32 19.85 4.62 -3.48
CA GLU A 32 19.41 3.72 -2.39
C GLU A 32 18.27 4.46 -1.68
N TYR A 33 17.24 3.72 -1.25
CA TYR A 33 16.12 4.33 -0.53
C TYR A 33 15.33 3.25 0.20
N ASP A 34 15.24 3.37 1.52
CA ASP A 34 14.29 2.60 2.31
C ASP A 34 13.28 3.60 2.87
N PRO A 35 12.02 3.53 2.42
CA PRO A 35 11.01 4.47 2.90
C PRO A 35 10.46 4.19 4.31
N THR A 36 10.90 3.12 4.98
CA THR A 36 10.35 2.79 6.30
C THR A 36 10.93 3.67 7.43
N ILE A 37 12.20 4.06 7.32
CA ILE A 37 12.92 4.74 8.41
C ILE A 37 12.67 6.27 8.43
N GLU A 38 13.01 6.93 9.53
CA GLU A 38 12.70 8.37 9.71
C GLU A 38 13.43 9.33 8.74
N ASP A 39 14.70 9.04 8.47
CA ASP A 39 15.48 9.79 7.47
C ASP A 39 14.89 9.79 6.04
N SER A 40 13.96 8.88 5.74
CA SER A 40 13.26 8.82 4.42
C SER A 40 12.62 10.14 4.01
N TYR A 41 12.03 10.84 4.98
CA TYR A 41 11.21 12.03 4.71
C TYR A 41 11.61 13.31 5.47
N ARG A 42 12.75 13.29 6.18
CA ARG A 42 13.25 14.47 6.90
C ARG A 42 14.65 14.83 6.40
N LYS A 43 14.86 16.11 6.10
CA LYS A 43 16.14 16.57 5.59
C LYS A 43 16.48 17.99 6.08
N GLN A 44 17.73 18.15 6.51
CA GLN A 44 18.23 19.44 6.94
C GLN A 44 18.86 20.14 5.73
N VAL A 45 18.52 21.42 5.56
CA VAL A 45 18.93 22.19 4.40
C VAL A 45 19.16 23.64 4.80
N VAL A 46 19.99 24.33 4.03
CA VAL A 46 20.22 25.75 4.19
C VAL A 46 19.59 26.40 2.97
N ILE A 47 18.67 27.32 3.22
CA ILE A 47 17.97 28.08 2.18
C ILE A 47 18.11 29.57 2.51
N ASP A 48 18.68 30.34 1.57
CA ASP A 48 18.97 31.77 1.77
C ASP A 48 19.70 32.03 3.12
N GLY A 49 20.75 31.23 3.35
CA GLY A 49 21.54 31.28 4.59
C GLY A 49 20.81 31.01 5.90
N GLU A 50 19.65 30.36 5.84
CA GLU A 50 18.89 29.99 7.04
C GLU A 50 18.74 28.48 7.05
N THR A 51 19.46 27.83 7.96
CA THR A 51 19.33 26.39 8.18
C THR A 51 17.91 26.05 8.68
N CYS A 52 17.34 25.01 8.12
CA CYS A 52 15.99 24.56 8.50
C CYS A 52 15.81 23.06 8.20
N LEU A 53 14.71 22.52 8.70
CA LEU A 53 14.44 21.10 8.62
C LEU A 53 13.14 20.90 7.83
N LEU A 54 13.23 20.17 6.71
CA LEU A 54 12.04 19.84 5.91
C LEU A 54 11.49 18.51 6.35
N ASP A 55 10.19 18.47 6.62
CA ASP A 55 9.45 17.22 6.81
C ASP A 55 8.49 17.11 5.63
N ILE A 56 8.67 16.09 4.79
CA ILE A 56 7.87 15.96 3.58
C ILE A 56 6.92 14.78 3.65
N LEU A 57 5.63 15.08 3.46
CA LEU A 57 4.59 14.07 3.37
C LEU A 57 4.26 13.77 1.92
N ASP A 58 4.57 12.56 1.49
CA ASP A 58 4.21 12.10 0.16
C ASP A 58 3.46 10.80 0.38
N THR A 59 2.17 10.81 0.07
CA THR A 59 1.33 9.63 0.25
C THR A 59 1.11 8.90 -1.10
N ALA A 60 2.02 9.12 -2.06
CA ALA A 60 1.96 8.43 -3.32
C ALA A 60 1.61 6.95 -3.10
N GLY A 61 0.65 6.48 -3.88
CA GLY A 61 0.11 5.14 -3.76
C GLY A 61 -1.23 5.07 -3.07
N GLN A 62 -1.61 6.15 -2.36
CA GLN A 62 -2.87 6.19 -1.60
C GLN A 62 -3.96 7.07 -2.25
N GLU A 63 -3.82 7.32 -3.55
CA GLU A 63 -4.72 8.26 -4.24
C GLU A 63 -6.17 7.78 -4.25
N GLU A 64 -6.39 6.47 -4.27
CA GLU A 64 -7.74 5.89 -4.17
C GLU A 64 -8.43 6.10 -2.83
N TYR A 65 -7.67 6.32 -1.75
CA TYR A 65 -8.25 6.73 -0.47
C TYR A 65 -8.62 8.23 -0.58
N SER A 66 -9.62 8.56 -1.40
CA SER A 66 -9.94 9.96 -1.72
C SER A 66 -10.47 10.75 -0.52
N ALA A 67 -11.09 10.04 0.41
CA ALA A 67 -11.65 10.67 1.61
C ALA A 67 -10.61 10.99 2.68
N MET A 68 -9.37 10.51 2.48
CA MET A 68 -8.24 10.83 3.38
C MET A 68 -7.44 12.03 2.93
N ARG A 69 -7.75 12.63 1.77
CA ARG A 69 -6.98 13.80 1.33
C ARG A 69 -7.00 14.96 2.33
N ASP A 70 -8.19 15.29 2.85
CA ASP A 70 -8.30 16.37 3.84
C ASP A 70 -7.39 16.09 5.03
N GLN A 71 -7.48 14.88 5.58
CA GLN A 71 -6.64 14.48 6.71
C GLN A 71 -5.17 14.77 6.41
N TYR A 72 -4.69 14.26 5.29
CA TYR A 72 -3.27 14.38 4.96
C TYR A 72 -2.92 15.88 4.70
N MET A 73 -3.78 16.58 3.97
CA MET A 73 -3.49 17.99 3.64
C MET A 73 -3.47 18.86 4.89
N ARG A 74 -4.36 18.59 5.82
CA ARG A 74 -4.43 19.36 7.05
C ARG A 74 -3.08 19.39 7.80
N THR A 75 -2.25 18.35 7.65
CA THR A 75 -0.95 18.31 8.33
C THR A 75 0.08 19.34 7.84
N GLY A 76 -0.15 19.95 6.67
CA GLY A 76 0.86 20.79 6.00
C GLY A 76 0.76 22.29 6.15
N GLU A 77 1.90 22.96 6.07
CA GLU A 77 2.00 24.42 5.99
C GLU A 77 2.14 24.88 4.55
N GLY A 78 2.81 24.07 3.72
CA GLY A 78 3.00 24.40 2.32
C GLY A 78 2.82 23.18 1.46
N PHE A 79 2.44 23.42 0.21
CA PHE A 79 2.07 22.33 -0.70
C PHE A 79 2.75 22.38 -2.06
N LEU A 80 3.24 21.24 -2.52
CA LEU A 80 3.63 21.07 -3.89
C LEU A 80 2.50 20.35 -4.59
N CYS A 81 1.93 21.00 -5.59
CA CYS A 81 0.88 20.45 -6.44
C CYS A 81 1.56 19.99 -7.69
N VAL A 82 1.72 18.67 -7.81
CA VAL A 82 2.52 18.06 -8.86
C VAL A 82 1.65 17.46 -9.95
N PHE A 83 2.04 17.69 -11.20
CA PHE A 83 1.44 17.04 -12.37
C PHE A 83 2.57 16.54 -13.25
N ALA A 84 2.25 15.64 -14.19
CA ALA A 84 3.25 15.14 -15.14
C ALA A 84 3.07 15.82 -16.47
N ILE A 85 4.18 16.26 -17.08
CA ILE A 85 4.12 17.02 -18.33
C ILE A 85 3.62 16.22 -19.52
N ASN A 86 3.57 14.89 -19.38
CA ASN A 86 3.02 14.00 -20.40
C ASN A 86 1.63 13.42 -20.05
N ASN A 87 0.94 14.02 -19.09
CA ASN A 87 -0.41 13.60 -18.72
C ASN A 87 -1.30 14.84 -18.53
N THR A 88 -2.04 15.17 -19.58
CA THR A 88 -2.90 16.34 -19.58
C THR A 88 -3.91 16.31 -18.43
N LYS A 89 -4.53 15.16 -18.20
CA LYS A 89 -5.50 14.98 -17.12
C LYS A 89 -4.92 15.37 -15.74
N SER A 90 -3.67 15.00 -15.46
CA SER A 90 -3.04 15.36 -14.19
C SER A 90 -2.89 16.86 -14.05
N PHE A 91 -2.64 17.55 -15.16
CA PHE A 91 -2.58 19.01 -15.19
C PHE A 91 -3.96 19.65 -14.92
N GLU A 92 -4.97 19.13 -15.60
CA GLU A 92 -6.35 19.59 -15.41
C GLU A 92 -6.90 19.35 -14.01
N ASP A 93 -6.40 18.33 -13.29
CA ASP A 93 -6.85 18.05 -11.92
C ASP A 93 -6.29 19.02 -10.89
N ILE A 94 -5.24 19.76 -11.24
CA ILE A 94 -4.59 20.68 -10.31
C ILE A 94 -5.57 21.66 -9.66
N HIS A 95 -6.53 22.18 -10.42
CA HIS A 95 -7.46 23.17 -9.87
C HIS A 95 -8.25 22.57 -8.72
N HIS A 96 -8.61 21.30 -8.84
CA HIS A 96 -9.30 20.60 -7.76
C HIS A 96 -8.44 20.50 -6.51
N TYR A 97 -7.17 20.10 -6.65
CA TYR A 97 -6.25 19.99 -5.51
C TYR A 97 -6.10 21.34 -4.79
N ARG A 98 -5.85 22.40 -5.56
CA ARG A 98 -5.70 23.73 -5.01
C ARG A 98 -6.94 24.12 -4.21
N GLU A 99 -8.12 23.87 -4.79
CA GLU A 99 -9.40 24.22 -4.15
C GLU A 99 -9.57 23.45 -2.83
N GLN A 100 -9.22 22.17 -2.85
CA GLN A 100 -9.39 21.37 -1.66
C GLN A 100 -8.42 21.82 -0.56
N ILE A 101 -7.18 22.18 -0.93
CA ILE A 101 -6.22 22.73 0.03
C ILE A 101 -6.73 24.01 0.67
N LYS A 102 -7.23 24.93 -0.15
CA LYS A 102 -7.77 26.21 0.39
C LYS A 102 -8.91 25.98 1.38
N ARG A 103 -9.79 25.05 1.03
CA ARG A 103 -10.88 24.65 1.91
C ARG A 103 -10.37 24.02 3.21
N VAL A 104 -9.40 23.11 3.12
CA VAL A 104 -8.89 22.43 4.33
C VAL A 104 -8.19 23.40 5.28
N LYS A 105 -7.32 24.24 4.71
CA LYS A 105 -6.57 25.24 5.47
C LYS A 105 -7.41 26.47 5.83
N ASP A 106 -8.61 26.58 5.25
CA ASP A 106 -9.55 27.67 5.50
C ASP A 106 -8.89 29.02 5.21
N SER A 107 -8.33 29.13 4.02
CA SER A 107 -7.57 30.31 3.64
C SER A 107 -7.46 30.39 2.12
N GLU A 108 -7.53 31.62 1.64
CA GLU A 108 -7.45 31.95 0.23
C GLU A 108 -5.98 32.02 -0.21
N ASP A 109 -5.07 32.15 0.76
CA ASP A 109 -3.66 32.39 0.50
C ASP A 109 -2.80 31.35 1.24
N VAL A 110 -2.75 30.13 0.69
CA VAL A 110 -1.93 29.05 1.27
C VAL A 110 -0.63 28.91 0.48
N PRO A 111 0.54 28.84 1.16
CA PRO A 111 1.81 28.65 0.48
C PRO A 111 1.80 27.41 -0.42
N MET A 112 2.15 27.62 -1.69
CA MET A 112 1.88 26.64 -2.73
C MET A 112 2.78 26.89 -3.94
N VAL A 113 3.25 25.82 -4.55
CA VAL A 113 3.98 25.89 -5.81
C VAL A 113 3.42 24.85 -6.78
N LEU A 114 3.34 25.20 -8.05
CA LEU A 114 2.98 24.26 -9.09
C LEU A 114 4.25 23.62 -9.59
N VAL A 115 4.29 22.29 -9.66
CA VAL A 115 5.45 21.56 -10.16
C VAL A 115 5.05 20.65 -11.31
N GLY A 116 5.69 20.83 -12.48
CA GLY A 116 5.48 19.92 -13.62
C GLY A 116 6.68 19.00 -13.78
N ASN A 117 6.48 17.69 -13.70
CA ASN A 117 7.57 16.75 -13.65
C ASN A 117 7.69 16.00 -14.97
N LYS A 118 8.91 15.94 -15.50
CA LYS A 118 9.25 15.09 -16.65
C LYS A 118 9.93 13.82 -16.13
N SER A 119 9.42 12.65 -16.51
CA SER A 119 10.15 11.39 -16.30
C SER A 119 10.50 10.82 -17.65
N ASP A 120 9.74 9.85 -18.14
CA ASP A 120 10.06 9.16 -19.40
C ASP A 120 8.82 9.17 -20.30
N LEU A 121 8.92 8.54 -21.46
CA LEU A 121 7.85 8.59 -22.47
C LEU A 121 6.47 8.13 -21.92
N PRO A 122 5.34 8.60 -22.48
CA PRO A 122 5.25 9.43 -23.70
C PRO A 122 5.76 10.87 -23.63
N SER A 123 5.77 11.53 -24.78
CA SER A 123 6.30 12.87 -24.88
C SER A 123 5.34 13.90 -24.27
N ARG A 124 5.89 15.08 -24.06
CA ARG A 124 5.19 16.24 -23.51
C ARG A 124 3.83 16.50 -24.19
N THR A 125 2.79 16.65 -23.35
CA THR A 125 1.48 17.14 -23.77
C THR A 125 1.08 18.46 -23.11
N VAL A 126 1.87 18.93 -22.13
CA VAL A 126 1.61 20.16 -21.40
C VAL A 126 2.83 21.05 -21.60
N GLU A 127 2.67 22.04 -22.47
CA GLU A 127 3.74 23.01 -22.72
C GLU A 127 3.92 23.86 -21.45
N SER A 128 5.16 24.25 -21.20
CA SER A 128 5.50 24.99 -20.00
C SER A 128 4.68 26.30 -19.92
N ARG A 129 4.44 26.92 -21.07
CA ARG A 129 3.63 28.14 -21.11
C ARG A 129 2.22 27.95 -20.50
N GLN A 130 1.58 26.83 -20.81
CA GLN A 130 0.27 26.54 -20.25
C GLN A 130 0.34 26.55 -18.73
N ALA A 131 1.40 25.92 -18.20
CA ALA A 131 1.59 25.82 -16.76
C ALA A 131 1.97 27.16 -16.15
N GLN A 132 2.84 27.92 -16.81
CA GLN A 132 3.16 29.30 -16.37
C GLN A 132 1.90 30.14 -16.28
N ASP A 133 0.98 29.96 -17.24
CA ASP A 133 -0.29 30.71 -17.27
C ASP A 133 -1.21 30.33 -16.11
N LEU A 134 -1.40 29.03 -15.90
CA LEU A 134 -2.17 28.54 -14.75
C LEU A 134 -1.59 29.04 -13.42
N ALA A 135 -0.27 28.96 -13.27
CA ALA A 135 0.40 29.37 -12.05
C ALA A 135 0.17 30.84 -11.78
N ARG A 136 0.28 31.62 -12.84
CA ARG A 136 0.03 33.06 -12.79
C ARG A 136 -1.41 33.39 -12.36
N SER A 137 -2.39 32.68 -12.91
CA SER A 137 -3.79 32.88 -12.52
C SER A 137 -4.03 32.59 -11.03
N TYR A 138 -3.28 31.65 -10.45
CA TYR A 138 -3.34 31.37 -9.00
C TYR A 138 -2.45 32.26 -8.14
N GLY A 139 -1.58 33.04 -8.78
CA GLY A 139 -0.58 33.83 -8.05
C GLY A 139 0.46 33.00 -7.31
N ILE A 140 0.87 31.86 -7.89
CA ILE A 140 1.90 30.99 -7.31
C ILE A 140 3.04 30.68 -8.28
N PRO A 141 4.23 30.31 -7.73
CA PRO A 141 5.34 29.92 -8.63
C PRO A 141 5.13 28.61 -9.38
N PHE A 142 5.76 28.51 -10.54
CA PHE A 142 5.81 27.28 -11.31
C PHE A 142 7.24 26.81 -11.48
N ILE A 143 7.50 25.54 -11.17
CA ILE A 143 8.82 24.95 -11.36
C ILE A 143 8.68 23.64 -12.18
N GLU A 144 9.50 23.49 -13.22
CA GLU A 144 9.54 22.25 -13.98
C GLU A 144 10.77 21.45 -13.53
N THR A 145 10.58 20.14 -13.35
CA THR A 145 11.61 19.25 -12.85
C THR A 145 11.79 18.04 -13.75
N SER A 146 13.00 17.48 -13.70
CA SER A 146 13.30 16.18 -14.29
C SER A 146 13.84 15.30 -13.17
N ALA A 147 12.96 14.41 -12.70
CA ALA A 147 13.25 13.28 -11.79
C ALA A 147 14.61 12.63 -11.98
N LYS A 148 14.77 12.02 -13.16
CA LYS A 148 15.95 11.23 -13.51
C LYS A 148 17.29 12.00 -13.55
N THR A 149 17.29 13.28 -13.98
CA THR A 149 18.50 14.12 -13.96
C THR A 149 18.67 15.00 -12.73
N ARG A 150 17.70 14.97 -11.81
N ARG A 150 17.73 14.96 -11.79
CA ARG A 150 17.66 15.82 -10.62
CA ARG A 150 17.73 15.83 -10.61
C ARG A 150 17.51 17.34 -10.87
C ARG A 150 17.54 17.34 -10.87
N GLN A 151 17.35 17.74 -12.13
CA GLN A 151 17.15 19.16 -12.46
C GLN A 151 15.81 19.67 -11.88
N GLY A 152 15.85 20.78 -11.16
CA GLY A 152 14.64 21.44 -10.66
C GLY A 152 14.19 21.02 -9.27
N VAL A 153 14.67 19.87 -8.79
CA VAL A 153 14.13 19.26 -7.57
C VAL A 153 14.34 20.16 -6.35
N ASP A 154 15.59 20.58 -6.11
CA ASP A 154 15.89 21.52 -5.02
C ASP A 154 15.10 22.80 -5.19
N ASP A 155 15.06 23.31 -6.42
CA ASP A 155 14.43 24.59 -6.71
C ASP A 155 12.95 24.56 -6.33
N ALA A 156 12.28 23.45 -6.64
CA ALA A 156 10.88 23.27 -6.33
C ALA A 156 10.61 23.38 -4.84
N PHE A 157 11.39 22.63 -4.06
CA PHE A 157 11.24 22.61 -2.61
C PHE A 157 11.66 23.91 -1.97
N TYR A 158 12.81 24.46 -2.37
CA TYR A 158 13.31 25.70 -1.79
C TYR A 158 12.37 26.88 -2.09
N THR A 159 11.75 26.86 -3.26
CA THR A 159 10.80 27.90 -3.64
C THR A 159 9.55 27.84 -2.76
N LEU A 160 9.11 26.64 -2.38
CA LEU A 160 7.96 26.49 -1.50
C LEU A 160 8.27 26.98 -0.09
N VAL A 161 9.47 26.66 0.40
CA VAL A 161 9.93 27.19 1.68
C VAL A 161 9.96 28.71 1.65
N ARG A 162 10.48 29.30 0.57
CA ARG A 162 10.47 30.76 0.40
C ARG A 162 9.05 31.30 0.46
N GLU A 163 8.11 30.62 -0.20
CA GLU A 163 6.72 31.03 -0.15
C GLU A 163 6.19 31.03 1.27
N ILE A 164 6.55 30.02 2.06
CA ILE A 164 6.10 29.94 3.46
C ILE A 164 6.64 31.11 4.29
N ARG A 165 7.92 31.42 4.11
CA ARG A 165 8.53 32.57 4.79
C ARG A 165 7.89 33.93 4.41
N LYS A 166 7.64 34.17 3.13
CA LYS A 166 6.92 35.38 2.67
C LYS A 166 5.48 35.44 3.19
N HIS A 167 4.86 34.28 3.42
CA HIS A 167 3.54 34.21 4.01
C HIS A 167 3.57 34.54 5.51
N LYS A 168 4.59 34.09 6.23
CA LYS A 168 4.68 34.25 7.70
C LYS A 168 5.15 35.65 8.16
N GLU A 169 6.06 36.29 7.42
CA GLU A 169 6.46 37.70 7.69
C GLU A 169 5.26 38.64 7.65
N LYS A 170 4.37 38.42 6.68
CA LYS A 170 3.03 39.01 6.63
C LYS A 170 2.23 38.55 7.86
N GLU B 3 39.68 -31.31 -2.95
CA GLU B 3 39.27 -31.34 -4.39
C GLU B 3 38.02 -30.48 -4.63
N GLN B 4 37.92 -29.88 -5.83
CA GLN B 4 36.80 -29.01 -6.22
C GLN B 4 35.67 -29.93 -6.75
N MET B 5 35.23 -29.81 -8.02
CA MET B 5 34.19 -30.72 -8.55
C MET B 5 34.13 -30.95 -10.07
N ARG B 6 34.54 -29.97 -10.87
CA ARG B 6 34.70 -30.14 -12.33
C ARG B 6 33.33 -30.33 -13.01
N LEU B 7 32.70 -29.20 -13.31
CA LEU B 7 31.40 -29.16 -13.98
C LEU B 7 31.75 -29.04 -15.46
N PRO B 8 30.74 -29.13 -16.37
CA PRO B 8 31.02 -28.90 -17.80
C PRO B 8 31.37 -27.43 -18.13
N SER B 9 31.73 -27.17 -19.38
CA SER B 9 32.12 -25.81 -19.78
C SER B 9 30.88 -24.95 -19.95
N ALA B 10 31.03 -23.64 -19.78
CA ALA B 10 29.93 -22.67 -19.94
C ALA B 10 29.38 -22.62 -21.37
N ASP B 11 30.19 -23.03 -22.34
CA ASP B 11 29.77 -23.17 -23.75
C ASP B 11 28.66 -24.23 -23.94
N VAL B 12 28.64 -25.24 -23.08
CA VAL B 12 27.64 -26.32 -23.10
C VAL B 12 26.53 -26.17 -22.03
N TYR B 13 26.87 -25.55 -20.90
CA TYR B 13 25.95 -25.44 -19.76
C TYR B 13 26.23 -24.11 -19.05
N ARG B 14 25.33 -23.15 -19.24
CA ARG B 14 25.58 -21.75 -18.89
C ARG B 14 25.70 -21.48 -17.38
N PHE B 15 25.18 -22.38 -16.56
CA PHE B 15 25.22 -22.22 -15.08
C PHE B 15 26.52 -22.72 -14.45
N ALA B 16 27.49 -23.13 -15.29
CA ALA B 16 28.82 -23.54 -14.83
C ALA B 16 29.76 -22.37 -14.59
N GLU B 17 29.52 -21.26 -15.31
CA GLU B 17 30.36 -20.06 -15.19
C GLU B 17 30.68 -19.77 -13.72
N PRO B 18 31.95 -19.49 -13.40
CA PRO B 18 32.25 -19.15 -12.00
C PRO B 18 31.66 -17.80 -11.57
N ASP B 19 31.47 -17.63 -10.27
CA ASP B 19 31.05 -16.34 -9.73
C ASP B 19 32.18 -15.34 -9.95
N SER B 20 31.81 -14.11 -10.30
CA SER B 20 32.74 -12.98 -10.28
C SER B 20 31.95 -11.70 -9.92
N GLU B 21 32.68 -10.62 -9.66
CA GLU B 21 32.08 -9.28 -9.49
C GLU B 21 31.21 -8.84 -10.68
N GLU B 22 31.43 -9.44 -11.86
CA GLU B 22 30.66 -9.11 -13.06
C GLU B 22 29.32 -9.81 -13.19
N ASN B 23 29.06 -10.85 -12.40
CA ASN B 23 27.81 -11.61 -12.52
C ASN B 23 27.01 -11.85 -11.22
N ILE B 24 27.64 -11.74 -10.05
CA ILE B 24 26.93 -11.87 -8.80
C ILE B 24 27.63 -11.12 -7.67
N ILE B 25 26.83 -10.39 -6.88
CA ILE B 25 27.34 -9.65 -5.73
C ILE B 25 26.41 -9.81 -4.54
N PHE B 26 26.99 -9.66 -3.37
CA PHE B 26 26.36 -9.98 -2.09
C PHE B 26 26.35 -8.75 -1.21
N GLU B 27 25.36 -8.71 -0.31
CA GLU B 27 25.32 -7.76 0.80
C GLU B 27 26.36 -8.24 1.82
N GLU B 28 26.93 -7.33 2.62
CA GLU B 28 27.95 -7.78 3.62
C GLU B 28 27.46 -8.70 4.82
N ASN B 29 26.12 -8.86 5.03
CA ASN B 29 25.55 -9.67 6.15
CA ASN B 29 25.60 -9.68 6.15
C ASN B 29 24.95 -11.01 5.68
N MET B 30 24.59 -11.87 6.65
CA MET B 30 24.22 -13.30 6.41
C MET B 30 22.78 -13.66 6.79
N GLN B 31 22.13 -14.51 5.97
CA GLN B 31 20.68 -14.74 6.02
C GLN B 31 20.25 -15.17 7.40
N PRO B 32 19.30 -14.43 8.03
CA PRO B 32 18.79 -14.79 9.36
C PRO B 32 18.30 -16.25 9.49
N LYS B 33 18.52 -16.83 10.67
CA LYS B 33 18.29 -18.25 11.00
C LYS B 33 19.24 -19.29 10.36
N ALA B 34 19.88 -18.96 9.22
CA ALA B 34 20.31 -19.97 8.24
C ALA B 34 21.76 -19.96 7.71
N GLY B 35 22.55 -18.92 7.96
CA GLY B 35 23.95 -18.88 7.54
C GLY B 35 24.25 -18.72 6.05
N ILE B 36 23.24 -18.44 5.25
CA ILE B 36 23.34 -18.32 3.80
C ILE B 36 23.69 -16.87 3.45
N PRO B 37 24.56 -16.64 2.45
CA PRO B 37 24.80 -15.23 2.03
C PRO B 37 23.58 -14.57 1.41
N ILE B 38 23.43 -13.27 1.65
CA ILE B 38 22.32 -12.49 1.10
C ILE B 38 22.72 -11.91 -0.24
N ILE B 39 22.01 -12.31 -1.29
CA ILE B 39 22.32 -11.86 -2.64
C ILE B 39 21.83 -10.43 -2.83
N LYS B 40 22.72 -9.55 -3.30
CA LYS B 40 22.37 -8.14 -3.59
C LYS B 40 21.92 -8.01 -5.04
N ALA B 41 22.72 -8.58 -5.95
CA ALA B 41 22.43 -8.49 -7.38
C ALA B 41 23.13 -9.58 -8.16
N GLY B 42 22.58 -9.90 -9.32
CA GLY B 42 23.20 -10.87 -10.22
C GLY B 42 22.54 -10.89 -11.58
N THR B 43 23.18 -11.60 -12.50
CA THR B 43 22.58 -11.84 -13.80
C THR B 43 21.43 -12.81 -13.57
N VAL B 44 20.50 -12.89 -14.52
CA VAL B 44 19.36 -13.79 -14.39
C VAL B 44 19.86 -15.24 -14.27
N ILE B 45 20.86 -15.59 -15.07
CA ILE B 45 21.50 -16.92 -15.00
C ILE B 45 22.01 -17.26 -13.58
N LYS B 46 22.66 -16.29 -12.94
CA LYS B 46 23.19 -16.47 -11.58
C LYS B 46 22.10 -16.52 -10.54
N LEU B 47 21.06 -15.71 -10.72
CA LEU B 47 19.91 -15.76 -9.82
C LEU B 47 19.23 -17.12 -9.91
N ILE B 48 19.14 -17.67 -11.12
CA ILE B 48 18.56 -18.99 -11.30
C ILE B 48 19.49 -20.10 -10.78
N GLU B 49 20.79 -19.95 -10.95
CA GLU B 49 21.75 -20.88 -10.32
C GLU B 49 21.51 -20.95 -8.81
N ARG B 50 21.41 -19.79 -8.16
CA ARG B 50 21.26 -19.74 -6.70
C ARG B 50 19.85 -20.11 -6.21
N LEU B 51 18.86 -19.91 -7.08
CA LEU B 51 17.50 -20.40 -6.83
C LEU B 51 17.43 -21.92 -6.76
N THR B 52 18.37 -22.58 -7.44
CA THR B 52 18.43 -24.02 -7.54
C THR B 52 19.85 -24.49 -7.22
N TYR B 53 20.39 -24.04 -6.09
CA TYR B 53 21.83 -24.20 -5.78
C TYR B 53 22.12 -25.59 -5.23
N HIS B 54 23.28 -26.15 -5.59
CA HIS B 54 23.60 -27.52 -5.19
C HIS B 54 24.03 -27.66 -3.72
N MET B 55 24.77 -26.67 -3.20
CA MET B 55 25.29 -26.76 -1.81
C MET B 55 24.21 -26.78 -0.72
N TYR B 56 23.13 -26.02 -0.88
CA TYR B 56 22.03 -25.97 0.12
C TYR B 56 20.70 -25.51 -0.47
N ALA B 57 19.63 -25.75 0.27
CA ALA B 57 18.32 -25.20 -0.06
C ALA B 57 18.23 -23.79 0.48
N ASP B 58 17.35 -23.01 -0.11
CA ASP B 58 17.22 -21.59 0.20
C ASP B 58 15.75 -21.16 0.09
N PRO B 59 14.91 -21.62 1.03
CA PRO B 59 13.49 -21.30 0.91
C PRO B 59 13.21 -19.79 0.87
N ASN B 60 13.93 -19.00 1.65
CA ASN B 60 13.75 -17.56 1.63
C ASN B 60 13.95 -16.92 0.25
N PHE B 61 15.03 -17.30 -0.40
CA PHE B 61 15.32 -16.81 -1.74
C PHE B 61 14.24 -17.27 -2.73
N VAL B 62 13.76 -18.50 -2.58
CA VAL B 62 12.74 -19.07 -3.48
C VAL B 62 11.40 -18.32 -3.42
N ARG B 63 10.95 -18.05 -2.20
CA ARG B 63 9.70 -17.31 -1.97
C ARG B 63 9.83 -15.90 -2.53
N THR B 64 10.94 -15.26 -2.21
CA THR B 64 11.19 -13.88 -2.62
C THR B 64 11.26 -13.79 -4.13
N PHE B 65 12.02 -14.71 -4.73
CA PHE B 65 12.17 -14.73 -6.19
C PHE B 65 10.81 -14.95 -6.89
N LEU B 66 10.04 -15.93 -6.43
CA LEU B 66 8.79 -16.28 -7.11
C LEU B 66 7.69 -15.24 -6.92
N THR B 67 7.82 -14.41 -5.89
CA THR B 67 6.91 -13.31 -5.65
C THR B 67 7.23 -12.12 -6.57
N THR B 68 8.51 -11.90 -6.87
CA THR B 68 8.96 -10.62 -7.47
C THR B 68 9.64 -10.69 -8.84
N TYR B 69 9.73 -11.88 -9.43
CA TYR B 69 10.57 -12.06 -10.61
C TYR B 69 10.09 -11.41 -11.89
N ARG B 70 8.80 -11.07 -11.95
CA ARG B 70 8.15 -10.76 -13.22
C ARG B 70 8.55 -9.39 -13.79
N SER B 71 9.06 -8.50 -12.93
CA SER B 71 9.68 -7.24 -13.37
C SER B 71 10.92 -7.45 -14.25
N PHE B 72 11.71 -8.50 -13.99
CA PHE B 72 12.95 -8.77 -14.76
C PHE B 72 12.95 -9.99 -15.70
N CYS B 73 11.95 -10.86 -15.60
CA CYS B 73 11.94 -12.13 -16.34
C CYS B 73 10.49 -12.53 -16.56
N LYS B 74 10.12 -12.79 -17.81
CA LYS B 74 8.77 -13.25 -18.09
C LYS B 74 8.60 -14.68 -17.60
N PRO B 75 7.38 -15.06 -17.18
CA PRO B 75 7.10 -16.44 -16.77
C PRO B 75 7.60 -17.53 -17.73
N GLN B 76 7.36 -17.35 -19.03
CA GLN B 76 7.82 -18.32 -20.04
C GLN B 76 9.35 -18.45 -20.03
N GLU B 77 10.04 -17.32 -19.90
CA GLU B 77 11.50 -17.29 -19.78
C GLU B 77 11.98 -18.02 -18.53
N LEU B 78 11.32 -17.83 -17.39
CA LEU B 78 11.66 -18.54 -16.16
C LEU B 78 11.56 -20.05 -16.36
N LEU B 79 10.47 -20.51 -16.94
CA LEU B 79 10.27 -21.93 -17.18
C LEU B 79 11.35 -22.51 -18.08
N SER B 80 11.66 -21.81 -19.18
CA SER B 80 12.77 -22.19 -20.09
C SER B 80 14.11 -22.30 -19.35
N LEU B 81 14.38 -21.31 -18.49
CA LEU B 81 15.63 -21.30 -17.72
C LEU B 81 15.73 -22.43 -16.71
N ILE B 82 14.65 -22.71 -15.98
CA ILE B 82 14.72 -23.81 -14.99
C ILE B 82 14.76 -25.20 -15.65
N ILE B 83 14.20 -25.32 -16.87
CA ILE B 83 14.33 -26.54 -17.66
C ILE B 83 15.79 -26.71 -18.12
N GLU B 84 16.37 -25.61 -18.62
CA GLU B 84 17.77 -25.60 -19.04
C GLU B 84 18.70 -25.93 -17.89
N ARG B 85 18.40 -25.39 -16.71
CA ARG B 85 19.11 -25.71 -15.48
C ARG B 85 19.01 -27.19 -15.17
N PHE B 86 17.82 -27.75 -15.27
CA PHE B 86 17.56 -29.16 -14.98
C PHE B 86 18.39 -30.12 -15.83
N GLU B 87 18.44 -29.83 -17.14
CA GLU B 87 19.06 -30.70 -18.14
C GLU B 87 20.59 -30.54 -18.13
N ILE B 88 21.22 -31.16 -17.12
CA ILE B 88 22.66 -31.04 -16.90
C ILE B 88 23.42 -32.17 -17.66
N PRO B 89 24.28 -31.81 -18.63
CA PRO B 89 25.16 -32.82 -19.25
C PRO B 89 26.35 -33.17 -18.35
N GLU B 90 27.09 -34.21 -18.74
CA GLU B 90 28.25 -34.65 -17.94
C GLU B 90 29.54 -33.97 -18.47
N PRO B 91 30.60 -33.90 -17.63
CA PRO B 91 31.93 -33.52 -18.15
C PRO B 91 32.53 -34.58 -19.09
N GLU B 92 33.53 -34.18 -19.86
CA GLU B 92 34.01 -34.98 -21.02
C GLU B 92 35.03 -36.11 -20.66
N PRO B 93 36.36 -35.96 -20.97
CA PRO B 93 37.14 -37.20 -21.06
C PRO B 93 37.63 -37.78 -19.72
N THR B 94 37.61 -39.11 -19.64
CA THR B 94 38.26 -39.87 -18.56
C THR B 94 38.31 -41.36 -19.00
N GLU B 95 39.10 -41.61 -20.06
CA GLU B 95 39.00 -42.81 -20.93
C GLU B 95 38.63 -44.14 -20.23
N ALA B 96 37.33 -44.33 -20.01
CA ALA B 96 36.76 -45.53 -19.38
C ALA B 96 35.71 -46.16 -20.29
N SER B 109 34.14 -45.10 -11.67
CA SER B 109 33.97 -43.77 -12.22
C SER B 109 34.06 -42.72 -11.10
N ALA B 110 35.28 -42.25 -10.81
CA ALA B 110 35.55 -41.41 -9.63
C ALA B 110 34.82 -40.06 -9.63
N GLU B 111 35.01 -39.29 -10.70
CA GLU B 111 34.47 -37.92 -10.81
C GLU B 111 32.96 -37.94 -11.06
N LEU B 112 32.46 -39.00 -11.70
CA LEU B 112 31.10 -39.06 -12.23
C LEU B 112 30.04 -39.44 -11.21
N LYS B 113 30.30 -40.47 -10.42
CA LYS B 113 29.36 -40.88 -9.36
C LYS B 113 29.17 -39.76 -8.32
N ARG B 114 30.25 -39.05 -8.03
CA ARG B 114 30.22 -37.87 -7.16
C ARG B 114 29.42 -36.72 -7.79
N PHE B 115 29.72 -36.43 -9.06
CA PHE B 115 29.04 -35.37 -9.81
C PHE B 115 27.53 -35.62 -9.89
N ARG B 116 27.13 -36.85 -10.20
CA ARG B 116 25.71 -37.23 -10.21
C ARG B 116 25.03 -37.00 -8.86
N LYS B 117 25.70 -37.39 -7.79
CA LYS B 117 25.09 -37.42 -6.46
C LYS B 117 25.14 -36.07 -5.73
N GLU B 118 26.16 -35.25 -6.02
CA GLU B 118 26.36 -33.97 -5.33
C GLU B 118 26.12 -32.69 -6.18
N TYR B 119 25.98 -32.84 -7.50
CA TYR B 119 25.56 -31.73 -8.36
C TYR B 119 24.22 -32.00 -9.03
N ILE B 120 24.14 -33.06 -9.83
CA ILE B 120 22.96 -33.30 -10.64
C ILE B 120 21.72 -33.53 -9.77
N GLN B 121 21.83 -34.45 -8.82
CA GLN B 121 20.66 -34.84 -8.04
C GLN B 121 20.14 -33.69 -7.18
N PRO B 122 21.02 -33.00 -6.43
CA PRO B 122 20.53 -31.84 -5.68
C PRO B 122 19.89 -30.76 -6.54
N VAL B 123 20.54 -30.38 -7.64
CA VAL B 123 20.07 -29.30 -8.50
C VAL B 123 18.71 -29.65 -9.07
N GLN B 124 18.57 -30.88 -9.53
CA GLN B 124 17.30 -31.34 -10.07
C GLN B 124 16.21 -31.30 -8.98
N LEU B 125 16.53 -31.72 -7.76
CA LEU B 125 15.55 -31.63 -6.66
C LEU B 125 15.15 -30.19 -6.38
N ARG B 126 16.09 -29.26 -6.50
CA ARG B 126 15.82 -27.86 -6.25
C ARG B 126 14.88 -27.27 -7.32
N VAL B 127 15.09 -27.67 -8.57
CA VAL B 127 14.23 -27.26 -9.68
C VAL B 127 12.81 -27.77 -9.48
N LEU B 128 12.68 -28.98 -8.97
CA LEU B 128 11.35 -29.55 -8.72
C LEU B 128 10.67 -28.80 -7.60
N ASN B 129 11.45 -28.45 -6.58
CA ASN B 129 10.97 -27.63 -5.45
C ASN B 129 10.49 -26.25 -5.90
N VAL B 130 11.20 -25.66 -6.86
CA VAL B 130 10.82 -24.38 -7.43
C VAL B 130 9.51 -24.52 -8.18
N CYS B 131 9.41 -25.54 -9.04
CA CYS B 131 8.16 -25.83 -9.76
C CYS B 131 6.97 -26.00 -8.79
N ARG B 132 7.21 -26.75 -7.71
CA ARG B 132 6.19 -27.03 -6.69
C ARG B 132 5.69 -25.73 -6.04
N HIS B 133 6.62 -24.89 -5.57
CA HIS B 133 6.26 -23.60 -4.94
CA HIS B 133 6.28 -23.59 -4.94
C HIS B 133 5.57 -22.66 -5.93
N TRP B 134 6.00 -22.70 -7.20
CA TRP B 134 5.46 -21.85 -8.25
C TRP B 134 3.99 -22.18 -8.47
N VAL B 135 3.75 -23.46 -8.68
CA VAL B 135 2.42 -24.01 -8.95
C VAL B 135 1.47 -23.88 -7.71
N GLU B 136 2.04 -23.98 -6.51
CA GLU B 136 1.26 -23.92 -5.27
C GLU B 136 0.91 -22.49 -4.88
N HIS B 137 1.90 -21.61 -4.89
CA HIS B 137 1.74 -20.25 -4.33
C HIS B 137 1.55 -19.12 -5.34
N HIS B 138 1.82 -19.37 -6.63
CA HIS B 138 1.71 -18.36 -7.69
C HIS B 138 1.04 -18.95 -8.92
N PHE B 139 -0.04 -19.66 -8.70
CA PHE B 139 -0.74 -20.34 -9.80
C PHE B 139 -1.30 -19.38 -10.83
N TYR B 140 -1.50 -18.12 -10.46
CA TYR B 140 -2.02 -17.10 -11.39
C TYR B 140 -1.23 -16.96 -12.71
N ASP B 141 0.08 -17.20 -12.69
CA ASP B 141 0.86 -17.18 -13.94
C ASP B 141 0.28 -18.20 -14.90
N PHE B 142 -0.14 -19.36 -14.38
CA PHE B 142 -0.66 -20.47 -15.20
C PHE B 142 -2.11 -20.27 -15.67
N GLU B 143 -2.95 -19.69 -14.80
CA GLU B 143 -4.35 -19.34 -15.11
C GLU B 143 -4.40 -18.32 -16.26
N ARG B 144 -3.41 -17.43 -16.28
CA ARG B 144 -3.34 -16.35 -17.27
C ARG B 144 -2.61 -16.69 -18.56
N ASP B 145 -1.90 -17.82 -18.58
CA ASP B 145 -1.15 -18.26 -19.76
C ASP B 145 -1.20 -19.77 -19.80
N ALA B 146 -2.23 -20.32 -20.45
CA ALA B 146 -2.45 -21.77 -20.53
C ALA B 146 -1.28 -22.57 -21.17
N TYR B 147 -0.57 -21.92 -22.10
CA TYR B 147 0.59 -22.55 -22.73
C TYR B 147 1.72 -22.72 -21.69
N LEU B 148 1.85 -21.78 -20.75
CA LEU B 148 2.79 -21.94 -19.66
C LEU B 148 2.49 -23.21 -18.85
N LEU B 149 1.21 -23.50 -18.64
CA LEU B 149 0.83 -24.72 -17.95
C LEU B 149 1.06 -25.95 -18.83
N GLN B 150 0.79 -25.83 -20.13
CA GLN B 150 1.07 -26.93 -21.06
C GLN B 150 2.56 -27.32 -20.97
N ARG B 151 3.45 -26.33 -21.06
CA ARG B 151 4.89 -26.58 -20.98
C ARG B 151 5.32 -27.22 -19.66
N MET B 152 4.74 -26.76 -18.55
CA MET B 152 5.05 -27.31 -17.24
C MET B 152 4.60 -28.76 -17.11
N GLU B 153 3.43 -29.08 -17.66
CA GLU B 153 2.93 -30.45 -17.58
C GLU B 153 3.77 -31.42 -18.43
N GLU B 154 4.14 -31.00 -19.64
CA GLU B 154 5.02 -31.84 -20.47
C GLU B 154 6.47 -31.90 -19.96
N PHE B 155 6.92 -30.90 -19.21
CA PHE B 155 8.24 -30.99 -18.54
C PHE B 155 8.19 -32.00 -17.39
N ILE B 156 7.19 -31.86 -16.53
CA ILE B 156 7.01 -32.75 -15.38
C ILE B 156 6.83 -34.22 -15.80
N GLY B 157 6.07 -34.45 -16.88
CA GLY B 157 5.94 -35.79 -17.47
C GLY B 157 7.23 -36.38 -18.03
N THR B 158 8.13 -35.51 -18.46
CA THR B 158 9.49 -35.85 -18.91
C THR B 158 10.42 -36.42 -17.82
N VAL B 159 10.17 -36.10 -16.54
CA VAL B 159 11.13 -36.36 -15.45
C VAL B 159 11.16 -37.84 -15.06
N ARG B 160 12.37 -38.37 -14.85
CA ARG B 160 12.59 -39.82 -14.91
C ARG B 160 12.93 -40.51 -13.58
N GLY B 161 13.95 -40.02 -12.87
CA GLY B 161 14.54 -40.73 -11.73
C GLY B 161 13.60 -41.21 -10.63
N LYS B 162 14.01 -42.26 -9.90
CA LYS B 162 13.25 -42.77 -8.74
C LYS B 162 13.33 -41.80 -7.54
N ALA B 163 14.48 -41.14 -7.39
CA ALA B 163 14.60 -40.02 -6.44
C ALA B 163 13.56 -38.91 -6.69
N MET B 164 13.25 -38.67 -7.96
CA MET B 164 12.34 -37.62 -8.38
C MET B 164 10.84 -37.97 -8.25
N LYS B 165 10.50 -39.25 -8.27
CA LYS B 165 9.09 -39.68 -8.46
C LYS B 165 8.11 -39.05 -7.46
N LYS B 166 8.40 -39.20 -6.17
CA LYS B 166 7.57 -38.58 -5.10
C LYS B 166 7.31 -37.06 -5.23
N TRP B 167 8.26 -36.30 -5.77
CA TRP B 167 8.10 -34.83 -5.98
C TRP B 167 7.25 -34.54 -7.21
N VAL B 168 7.52 -35.28 -8.29
CA VAL B 168 6.74 -35.21 -9.53
C VAL B 168 5.28 -35.56 -9.30
N GLU B 169 5.03 -36.66 -8.58
CA GLU B 169 3.67 -37.03 -8.18
C GLU B 169 2.99 -35.90 -7.41
N SER B 170 3.70 -35.33 -6.43
CA SER B 170 3.18 -34.23 -5.59
C SER B 170 2.81 -32.96 -6.39
N ILE B 171 3.68 -32.57 -7.32
CA ILE B 171 3.44 -31.44 -8.20
C ILE B 171 2.20 -31.65 -9.08
N THR B 172 2.10 -32.84 -9.68
CA THR B 172 0.95 -33.24 -10.50
C THR B 172 -0.37 -33.21 -9.69
N LYS B 173 -0.30 -33.56 -8.41
CA LYS B 173 -1.48 -33.46 -7.51
C LYS B 173 -1.88 -32.01 -7.26
N ILE B 174 -0.90 -31.14 -7.02
CA ILE B 174 -1.17 -29.72 -6.82
C ILE B 174 -1.76 -29.08 -8.09
N ILE B 175 -1.22 -29.43 -9.26
CA ILE B 175 -1.75 -28.90 -10.52
C ILE B 175 -3.21 -29.27 -10.70
N GLN B 176 -3.58 -30.51 -10.39
CA GLN B 176 -4.99 -30.94 -10.47
C GLN B 176 -5.90 -30.24 -9.47
N ARG B 177 -5.44 -30.08 -8.23
CA ARG B 177 -6.19 -29.33 -7.22
C ARG B 177 -6.44 -27.87 -7.67
N LYS B 178 -5.44 -27.25 -8.30
CA LYS B 178 -5.53 -25.85 -8.72
C LYS B 178 -6.43 -25.61 -9.93
N LYS B 179 -6.62 -26.61 -10.78
CA LYS B 179 -7.60 -26.52 -11.86
C LYS B 179 -9.09 -26.67 -11.43
N ILE B 180 -9.43 -26.43 -10.16
CA ILE B 180 -10.78 -26.69 -9.62
C ILE B 180 -11.47 -25.40 -9.11
N ALA B 181 -12.77 -25.31 -9.40
CA ALA B 181 -13.59 -24.14 -9.05
C ALA B 181 -13.93 -24.12 -7.55
N ILE B 190 -17.72 -20.23 9.00
CA ILE B 190 -16.33 -20.70 9.06
C ILE B 190 -16.04 -21.51 10.34
N THR B 191 -16.85 -21.30 11.38
CA THR B 191 -16.77 -21.99 12.69
C THR B 191 -15.49 -21.70 13.50
N PHE B 192 -15.65 -21.71 14.81
CA PHE B 192 -14.77 -20.97 15.74
C PHE B 192 -13.98 -21.87 16.67
N GLN B 193 -13.09 -21.27 17.47
CA GLN B 193 -12.28 -21.99 18.46
C GLN B 193 -13.21 -22.40 19.61
N SER B 194 -13.87 -21.40 20.19
CA SER B 194 -14.96 -21.59 21.15
C SER B 194 -15.97 -20.46 20.90
N SER B 195 -17.04 -20.40 21.70
CA SER B 195 -18.18 -19.51 21.47
C SER B 195 -17.83 -18.03 21.17
N PRO B 196 -18.27 -17.52 19.99
CA PRO B 196 -18.20 -16.07 19.80
C PRO B 196 -19.23 -15.37 20.67
N PRO B 197 -19.05 -14.07 20.93
CA PRO B 197 -20.01 -13.39 21.77
C PRO B 197 -21.42 -13.25 21.15
N THR B 198 -22.39 -12.95 22.01
CA THR B 198 -23.77 -12.78 21.60
C THR B 198 -23.89 -11.49 20.76
N VAL B 199 -24.60 -11.60 19.64
CA VAL B 199 -24.90 -10.46 18.76
C VAL B 199 -25.75 -9.44 19.54
N GLU B 200 -25.42 -8.14 19.37
CA GLU B 200 -26.07 -7.08 20.13
C GLU B 200 -27.07 -6.29 19.28
N TRP B 201 -28.25 -6.02 19.86
CA TRP B 201 -29.32 -5.29 19.22
C TRP B 201 -29.71 -4.12 20.11
N HIS B 202 -30.04 -2.99 19.49
CA HIS B 202 -30.45 -1.77 20.19
C HIS B 202 -31.92 -1.51 19.87
N ILE B 203 -32.23 -0.57 18.97
CA ILE B 203 -33.60 -0.20 18.67
C ILE B 203 -34.16 -1.04 17.53
N SER B 204 -33.39 -1.20 16.45
CA SER B 204 -33.80 -2.06 15.35
C SER B 204 -33.79 -3.49 15.86
N ARG B 205 -34.85 -4.23 15.57
CA ARG B 205 -34.93 -5.64 16.00
C ARG B 205 -34.46 -6.56 14.86
N PRO B 206 -34.09 -7.82 15.19
CA PRO B 206 -33.66 -8.76 14.15
C PRO B 206 -34.68 -8.88 13.04
N GLY B 207 -34.20 -8.93 11.80
CA GLY B 207 -35.05 -9.06 10.62
C GLY B 207 -35.60 -7.75 10.06
N HIS B 208 -35.55 -6.67 10.83
CA HIS B 208 -36.15 -5.40 10.41
C HIS B 208 -35.12 -4.47 9.74
N ILE B 209 -34.54 -4.97 8.65
CA ILE B 209 -33.53 -4.25 7.87
C ILE B 209 -33.96 -2.83 7.45
N GLU B 210 -35.26 -2.64 7.21
CA GLU B 210 -35.79 -1.32 6.84
C GLU B 210 -35.57 -0.21 7.88
N THR B 211 -35.36 -0.59 9.14
CA THR B 211 -35.13 0.34 10.26
C THR B 211 -33.65 0.63 10.53
N PHE B 212 -32.75 -0.19 9.99
CA PHE B 212 -31.32 -0.09 10.28
C PHE B 212 -30.80 1.30 9.92
N ASP B 213 -30.03 1.88 10.83
CA ASP B 213 -29.34 3.13 10.59
C ASP B 213 -28.21 3.24 11.63
N LEU B 214 -27.42 4.32 11.55
CA LEU B 214 -26.33 4.57 12.48
C LEU B 214 -26.72 4.47 13.94
N LEU B 215 -27.82 5.14 14.29
CA LEU B 215 -28.26 5.23 15.68
C LEU B 215 -29.18 4.10 16.13
N THR B 216 -29.79 3.37 15.20
CA THR B 216 -30.75 2.33 15.53
C THR B 216 -30.14 0.95 15.71
N LEU B 217 -29.05 0.68 14.99
CA LEU B 217 -28.25 -0.53 15.25
C LEU B 217 -27.43 -0.31 16.52
N HIS B 218 -27.05 -1.40 17.17
CA HIS B 218 -26.21 -1.31 18.35
C HIS B 218 -24.80 -0.94 17.90
N PRO B 219 -24.18 0.08 18.54
CA PRO B 219 -22.81 0.45 18.12
C PRO B 219 -21.76 -0.67 18.20
N ILE B 220 -21.85 -1.53 19.21
CA ILE B 220 -20.95 -2.70 19.30
C ILE B 220 -21.06 -3.52 18.01
N GLU B 221 -22.29 -3.83 17.61
CA GLU B 221 -22.49 -4.73 16.48
C GLU B 221 -22.14 -4.07 15.16
N ILE B 222 -22.28 -2.75 15.08
CA ILE B 222 -21.85 -2.01 13.88
C ILE B 222 -20.36 -2.26 13.69
N ALA B 223 -19.60 -1.98 14.74
CA ALA B 223 -18.16 -2.14 14.73
C ALA B 223 -17.74 -3.58 14.46
N ARG B 224 -18.46 -4.54 15.04
CA ARG B 224 -18.15 -5.96 14.85
C ARG B 224 -18.37 -6.39 13.41
N GLN B 225 -19.53 -6.03 12.86
CA GLN B 225 -19.88 -6.47 11.53
C GLN B 225 -19.04 -5.76 10.46
N LEU B 226 -18.74 -4.48 10.67
CA LEU B 226 -17.76 -3.77 9.81
C LEU B 226 -16.35 -4.37 9.92
N THR B 227 -15.96 -4.82 11.12
CA THR B 227 -14.66 -5.46 11.32
C THR B 227 -14.58 -6.79 10.55
N LEU B 228 -15.68 -7.53 10.51
CA LEU B 228 -15.76 -8.74 9.67
C LEU B 228 -15.67 -8.44 8.16
N LEU B 229 -16.43 -7.47 7.67
CA LEU B 229 -16.31 -7.06 6.26
C LEU B 229 -14.89 -6.64 5.90
N GLU B 230 -14.34 -5.78 6.74
CA GLU B 230 -13.04 -5.18 6.46
C GLU B 230 -11.90 -6.19 6.63
N SER B 231 -12.09 -7.16 7.53
CA SER B 231 -11.12 -8.24 7.67
C SER B 231 -11.11 -9.10 6.40
N ASP B 232 -12.28 -9.50 5.90
CA ASP B 232 -12.32 -10.32 4.69
C ASP B 232 -11.75 -9.58 3.48
N LEU B 233 -12.08 -8.29 3.39
CA LEU B 233 -11.52 -7.42 2.37
C LEU B 233 -9.99 -7.38 2.44
N TYR B 234 -9.45 -7.14 3.64
CA TYR B 234 -8.00 -7.13 3.83
C TYR B 234 -7.35 -8.47 3.41
N ARG B 235 -8.02 -9.58 3.72
CA ARG B 235 -7.48 -10.93 3.49
C ARG B 235 -7.51 -11.41 2.04
N ALA B 236 -8.37 -10.83 1.22
CA ALA B 236 -8.49 -11.28 -0.16
C ALA B 236 -7.39 -10.70 -1.03
N VAL B 237 -6.66 -9.69 -0.53
CA VAL B 237 -5.66 -9.00 -1.36
C VAL B 237 -4.41 -9.87 -1.48
N GLN B 238 -3.97 -10.12 -2.70
CA GLN B 238 -2.81 -10.99 -2.96
C GLN B 238 -1.61 -10.17 -3.46
N PRO B 239 -0.39 -10.69 -3.23
CA PRO B 239 0.82 -10.05 -3.73
C PRO B 239 0.81 -9.69 -5.23
N SER B 240 0.13 -10.49 -6.06
CA SER B 240 -0.04 -10.18 -7.49
C SER B 240 -0.69 -8.82 -7.79
N GLU B 241 -1.46 -8.30 -6.84
CA GLU B 241 -2.12 -7.00 -6.97
C GLU B 241 -1.23 -5.82 -6.54
N LEU B 242 -0.05 -6.12 -5.96
CA LEU B 242 0.80 -5.14 -5.28
C LEU B 242 2.16 -5.04 -5.93
N VAL B 243 2.81 -6.18 -6.20
CA VAL B 243 4.14 -6.17 -6.81
C VAL B 243 4.08 -5.47 -8.18
N GLY B 244 5.09 -4.64 -8.43
CA GLY B 244 5.15 -3.83 -9.64
C GLY B 244 4.28 -2.59 -9.58
N SER B 245 3.75 -2.28 -8.40
CA SER B 245 2.92 -1.08 -8.18
C SER B 245 1.72 -1.03 -9.11
N VAL B 246 1.15 -2.22 -9.41
CA VAL B 246 0.17 -2.34 -10.50
C VAL B 246 -1.17 -1.68 -10.21
N TRP B 247 -1.45 -1.41 -8.94
CA TRP B 247 -2.68 -0.72 -8.55
C TRP B 247 -2.71 0.77 -8.93
N THR B 248 -1.58 1.30 -9.36
CA THR B 248 -1.46 2.71 -9.77
C THR B 248 -1.41 2.90 -11.28
N LYS B 249 -1.41 1.79 -12.04
CA LYS B 249 -1.25 1.83 -13.49
C LYS B 249 -2.59 1.68 -14.16
N GLU B 250 -2.63 1.88 -15.48
CA GLU B 250 -3.91 1.96 -16.22
C GLU B 250 -4.79 0.71 -16.14
N ASP B 251 -4.17 -0.45 -15.94
CA ASP B 251 -4.86 -1.73 -15.79
C ASP B 251 -5.16 -2.12 -14.33
N LYS B 252 -5.20 -1.14 -13.45
CA LYS B 252 -5.42 -1.41 -12.04
C LYS B 252 -6.70 -2.21 -11.76
N GLU B 253 -7.78 -1.90 -12.47
CA GLU B 253 -9.04 -2.62 -12.26
C GLU B 253 -8.94 -4.11 -12.69
N ILE B 254 -8.11 -4.38 -13.68
CA ILE B 254 -7.83 -5.74 -14.10
C ILE B 254 -6.90 -6.40 -13.08
N ASN B 255 -5.83 -5.71 -12.67
CA ASN B 255 -4.78 -6.36 -11.89
C ASN B 255 -4.91 -6.30 -10.38
N SER B 256 -5.70 -5.37 -9.85
CA SER B 256 -5.83 -5.17 -8.40
C SER B 256 -7.28 -5.05 -7.90
N PRO B 257 -8.19 -5.90 -8.44
CA PRO B 257 -9.62 -5.78 -8.10
C PRO B 257 -9.96 -5.90 -6.62
N ASN B 258 -9.25 -6.74 -5.88
CA ASN B 258 -9.55 -6.92 -4.45
C ASN B 258 -9.05 -5.77 -3.57
N LEU B 259 -7.85 -5.25 -3.88
CA LEU B 259 -7.33 -4.07 -3.21
C LEU B 259 -8.26 -2.89 -3.43
N LEU B 260 -8.70 -2.73 -4.67
CA LEU B 260 -9.61 -1.65 -5.02
C LEU B 260 -10.97 -1.76 -4.32
N LYS B 261 -11.53 -2.96 -4.20
CA LYS B 261 -12.80 -3.10 -3.47
C LYS B 261 -12.60 -2.72 -2.02
N MET B 262 -11.46 -3.14 -1.46
CA MET B 262 -11.13 -2.84 -0.08
C MET B 262 -11.06 -1.33 0.15
N ILE B 263 -10.33 -0.62 -0.71
CA ILE B 263 -10.18 0.83 -0.56
C ILE B 263 -11.53 1.54 -0.72
N ARG B 264 -12.28 1.14 -1.74
CA ARG B 264 -13.59 1.72 -1.97
C ARG B 264 -14.54 1.56 -0.80
N HIS B 265 -14.45 0.43 -0.09
CA HIS B 265 -15.29 0.20 1.07
C HIS B 265 -14.91 1.21 2.13
N THR B 266 -13.61 1.33 2.39
CA THR B 266 -13.09 2.26 3.39
C THR B 266 -13.54 3.70 3.09
N THR B 267 -13.42 4.08 1.82
CA THR B 267 -13.83 5.39 1.37
C THR B 267 -15.34 5.60 1.56
N ASN B 268 -16.13 4.60 1.19
CA ASN B 268 -17.57 4.63 1.39
C ASN B 268 -17.96 4.92 2.82
N LEU B 269 -17.32 4.23 3.75
CA LEU B 269 -17.67 4.40 5.17
C LEU B 269 -17.24 5.71 5.77
N THR B 270 -16.06 6.20 5.38
CA THR B 270 -15.67 7.53 5.77
C THR B 270 -16.74 8.53 5.31
N LEU B 271 -17.12 8.46 4.04
CA LEU B 271 -18.16 9.33 3.49
C LEU B 271 -19.54 9.14 4.16
N TRP B 272 -19.90 7.89 4.47
CA TRP B 272 -21.14 7.63 5.19
C TRP B 272 -21.13 8.32 6.55
N PHE B 273 -20.02 8.24 7.27
CA PHE B 273 -19.93 8.91 8.57
C PHE B 273 -20.09 10.39 8.41
N GLU B 274 -19.39 10.99 7.44
CA GLU B 274 -19.50 12.43 7.19
C GLU B 274 -20.96 12.83 6.91
N LYS B 275 -21.61 12.00 6.11
CA LYS B 275 -22.95 12.28 5.64
C LYS B 275 -23.95 12.23 6.79
N CYS B 276 -23.88 11.17 7.61
CA CYS B 276 -24.71 11.02 8.80
C CYS B 276 -24.59 12.25 9.67
N ILE B 277 -23.37 12.79 9.76
CA ILE B 277 -23.10 13.95 10.62
C ILE B 277 -23.77 15.20 10.10
N VAL B 278 -23.36 15.64 8.91
CA VAL B 278 -23.81 16.91 8.35
C VAL B 278 -25.26 16.94 7.87
N GLU B 279 -25.89 15.79 7.62
CA GLU B 279 -27.34 15.73 7.30
C GLU B 279 -28.22 15.67 8.56
N THR B 280 -27.60 15.55 9.72
CA THR B 280 -28.31 15.69 10.97
C THR B 280 -28.23 17.17 11.39
N GLU B 281 -29.26 17.93 11.05
CA GLU B 281 -29.17 19.41 11.09
C GLU B 281 -29.38 19.97 12.49
N ASN B 282 -30.19 19.28 13.27
CA ASN B 282 -30.41 19.62 14.66
C ASN B 282 -29.14 19.36 15.49
N LEU B 283 -28.71 20.38 16.23
CA LEU B 283 -27.44 20.33 16.98
C LEU B 283 -27.39 19.16 17.94
N GLU B 284 -28.40 19.05 18.81
CA GLU B 284 -28.48 17.96 19.79
C GLU B 284 -28.41 16.58 19.13
N GLU B 285 -29.14 16.41 18.04
CA GLU B 285 -29.13 15.14 17.34
C GLU B 285 -27.75 14.85 16.73
N ARG B 286 -27.11 15.88 16.17
CA ARG B 286 -25.78 15.79 15.58
C ARG B 286 -24.71 15.45 16.61
N VAL B 287 -24.88 15.97 17.83
CA VAL B 287 -23.98 15.63 18.93
C VAL B 287 -24.10 14.13 19.26
N ALA B 288 -25.32 13.62 19.31
CA ALA B 288 -25.53 12.17 19.52
C ALA B 288 -24.92 11.32 18.39
N VAL B 289 -25.01 11.81 17.14
CA VAL B 289 -24.46 11.09 15.99
C VAL B 289 -22.92 10.97 16.09
N VAL B 290 -22.26 12.10 16.34
CA VAL B 290 -20.79 12.16 16.44
C VAL B 290 -20.34 11.31 17.61
N SER B 291 -21.05 11.46 18.72
CA SER B 291 -20.81 10.67 19.92
C SER B 291 -20.91 9.18 19.62
N ARG B 292 -21.95 8.76 18.91
CA ARG B 292 -22.13 7.35 18.56
C ARG B 292 -20.99 6.83 17.67
N ILE B 293 -20.54 7.64 16.72
CA ILE B 293 -19.44 7.28 15.83
C ILE B 293 -18.13 7.09 16.64
N ILE B 294 -17.92 7.93 17.65
CA ILE B 294 -16.76 7.80 18.51
C ILE B 294 -16.87 6.48 19.33
N GLU B 295 -18.08 6.09 19.71
CA GLU B 295 -18.29 4.80 20.38
C GLU B 295 -17.90 3.62 19.47
N ILE B 296 -18.31 3.71 18.22
CA ILE B 296 -17.92 2.72 17.22
C ILE B 296 -16.38 2.70 17.09
N LEU B 297 -15.75 3.87 17.08
CA LEU B 297 -14.27 3.95 17.04
C LEU B 297 -13.65 3.22 18.24
N GLN B 298 -14.23 3.44 19.42
CA GLN B 298 -13.77 2.77 20.64
C GLN B 298 -13.75 1.25 20.47
N VAL B 299 -14.80 0.70 19.88
CA VAL B 299 -14.91 -0.74 19.67
C VAL B 299 -13.95 -1.22 18.56
N PHE B 300 -13.75 -0.42 17.51
CA PHE B 300 -12.75 -0.75 16.48
C PHE B 300 -11.39 -0.92 17.12
N GLN B 301 -11.08 0.05 17.98
CA GLN B 301 -9.83 0.07 18.72
C GLN B 301 -9.70 -1.21 19.60
N GLU B 302 -10.77 -1.62 20.28
CA GLU B 302 -10.79 -2.90 21.04
C GLU B 302 -10.56 -4.12 20.16
N LEU B 303 -11.09 -4.09 18.93
CA LEU B 303 -10.96 -5.17 17.96
C LEU B 303 -9.66 -5.14 17.14
N ASN B 304 -8.79 -4.17 17.41
CA ASN B 304 -7.62 -3.91 16.56
C ASN B 304 -7.99 -3.78 15.07
N ASN B 305 -9.15 -3.21 14.76
CA ASN B 305 -9.49 -2.87 13.37
C ASN B 305 -9.00 -1.45 13.06
N PHE B 306 -7.76 -1.37 12.61
CA PHE B 306 -7.13 -0.07 12.42
C PHE B 306 -7.63 0.57 11.15
N ASN B 307 -8.02 -0.26 10.18
CA ASN B 307 -8.73 0.28 9.03
C ASN B 307 -10.01 1.03 9.48
N GLY B 308 -10.74 0.45 10.41
CA GLY B 308 -11.95 1.06 10.95
C GLY B 308 -11.62 2.32 11.71
N VAL B 309 -10.61 2.25 12.58
CA VAL B 309 -10.16 3.41 13.32
C VAL B 309 -9.91 4.56 12.36
N LEU B 310 -9.15 4.31 11.30
CA LEU B 310 -8.77 5.38 10.39
C LEU B 310 -9.92 5.88 9.52
N GLU B 311 -10.91 5.05 9.23
CA GLU B 311 -12.05 5.52 8.46
C GLU B 311 -12.89 6.52 9.31
N VAL B 312 -12.85 6.37 10.63
CA VAL B 312 -13.46 7.32 11.52
C VAL B 312 -12.62 8.57 11.67
N VAL B 313 -11.32 8.39 11.86
CA VAL B 313 -10.43 9.54 11.99
C VAL B 313 -10.48 10.41 10.71
N SER B 314 -10.47 9.78 9.54
CA SER B 314 -10.54 10.52 8.27
C SER B 314 -11.81 11.38 8.16
N ALA B 315 -12.93 10.82 8.64
CA ALA B 315 -14.21 11.53 8.63
C ALA B 315 -14.16 12.73 9.56
N MET B 316 -13.65 12.52 10.76
CA MET B 316 -13.55 13.61 11.74
C MET B 316 -12.61 14.69 11.24
N ASN B 317 -11.58 14.30 10.49
CA ASN B 317 -10.62 15.25 9.94
C ASN B 317 -11.13 15.84 8.62
N SER B 318 -12.19 15.29 8.03
CA SER B 318 -12.73 15.89 6.82
C SER B 318 -13.13 17.35 7.02
N SER B 319 -13.03 18.15 5.96
CA SER B 319 -13.30 19.57 6.08
C SER B 319 -14.77 19.93 6.46
N PRO B 320 -15.77 19.10 6.07
CA PRO B 320 -17.13 19.36 6.51
C PRO B 320 -17.40 19.10 7.98
N VAL B 321 -16.69 18.12 8.56
CA VAL B 321 -16.90 17.73 9.97
C VAL B 321 -16.00 18.49 10.94
N TYR B 322 -14.71 18.60 10.63
CA TYR B 322 -13.69 19.19 11.52
C TYR B 322 -14.05 20.59 12.04
N ARG B 323 -14.67 21.39 11.18
CA ARG B 323 -15.11 22.75 11.51
C ARG B 323 -16.37 22.88 12.39
N LEU B 324 -17.04 21.77 12.73
CA LEU B 324 -18.28 21.84 13.51
C LEU B 324 -18.02 22.02 15.00
N ASP B 325 -17.51 23.21 15.37
CA ASP B 325 -17.10 23.50 16.77
C ASP B 325 -18.27 23.47 17.74
N HIS B 326 -19.48 23.83 17.30
CA HIS B 326 -20.64 23.78 18.20
C HIS B 326 -21.01 22.33 18.58
N THR B 327 -20.70 21.39 17.69
CA THR B 327 -21.01 20.00 17.92
C THR B 327 -19.96 19.38 18.86
N PHE B 328 -18.69 19.57 18.56
CA PHE B 328 -17.62 19.00 19.38
C PHE B 328 -17.56 19.62 20.77
N GLU B 329 -18.04 20.85 20.93
CA GLU B 329 -18.15 21.47 22.24
C GLU B 329 -18.95 20.63 23.25
N GLN B 330 -20.03 19.98 22.78
N GLN B 330 -20.02 19.98 22.79
CA GLN B 330 -20.95 19.18 23.61
CA GLN B 330 -20.91 19.20 23.63
C GLN B 330 -20.55 17.70 23.74
C GLN B 330 -20.56 17.71 23.70
N ILE B 331 -19.44 17.30 23.12
CA ILE B 331 -18.94 15.91 23.19
C ILE B 331 -18.28 15.70 24.55
N PRO B 332 -18.71 14.66 25.32
CA PRO B 332 -18.13 14.45 26.64
C PRO B 332 -16.64 14.26 26.57
N SER B 333 -15.94 14.69 27.63
CA SER B 333 -14.48 14.73 27.61
C SER B 333 -13.87 13.35 27.40
N ARG B 334 -14.51 12.32 27.91
CA ARG B 334 -14.00 10.96 27.75
C ARG B 334 -13.90 10.59 26.25
N GLN B 335 -14.91 10.98 25.48
CA GLN B 335 -14.95 10.67 24.05
C GLN B 335 -14.08 11.60 23.22
N LYS B 336 -13.95 12.86 23.65
CA LYS B 336 -12.94 13.75 23.10
C LYS B 336 -11.57 13.11 23.15
N LYS B 337 -11.24 12.51 24.29
CA LYS B 337 -9.92 11.90 24.50
C LYS B 337 -9.71 10.65 23.66
N ILE B 338 -10.76 9.85 23.52
CA ILE B 338 -10.73 8.68 22.65
C ILE B 338 -10.43 9.11 21.22
N LEU B 339 -11.13 10.13 20.75
CA LEU B 339 -10.90 10.63 19.39
C LEU B 339 -9.51 11.19 19.25
N GLU B 340 -9.04 11.96 20.23
CA GLU B 340 -7.70 12.55 20.17
C GLU B 340 -6.59 11.50 20.08
N GLU B 341 -6.70 10.48 20.92
CA GLU B 341 -5.76 9.37 20.93
C GLU B 341 -5.74 8.66 19.57
N ALA B 342 -6.92 8.48 18.97
CA ALA B 342 -7.03 7.82 17.68
C ALA B 342 -6.41 8.67 16.58
N HIS B 343 -6.65 9.98 16.63
CA HIS B 343 -6.04 10.90 15.68
C HIS B 343 -4.51 10.88 15.80
N GLU B 344 -4.00 10.83 17.02
CA GLU B 344 -2.55 10.85 17.25
C GLU B 344 -1.82 9.63 16.67
N LEU B 345 -2.53 8.52 16.43
CA LEU B 345 -1.97 7.38 15.69
C LEU B 345 -1.43 7.81 14.34
N SER B 346 -2.12 8.74 13.67
CA SER B 346 -1.77 9.17 12.31
C SER B 346 -0.65 10.19 12.26
N GLU B 347 -0.46 10.91 13.36
CA GLU B 347 0.54 11.97 13.43
C GLU B 347 1.98 11.49 13.22
N ASP B 348 2.81 12.38 12.72
CA ASP B 348 4.23 12.10 12.48
C ASP B 348 4.41 10.84 11.63
N HIS B 349 3.74 10.81 10.49
CA HIS B 349 3.89 9.72 9.53
C HIS B 349 3.54 8.37 10.16
N TYR B 350 2.45 8.33 10.92
CA TYR B 350 1.94 7.12 11.54
C TYR B 350 2.87 6.49 12.60
N LYS B 351 3.67 7.30 13.28
CA LYS B 351 4.64 6.80 14.28
C LYS B 351 4.00 5.87 15.29
N LYS B 352 2.93 6.35 15.91
CA LYS B 352 2.25 5.59 16.94
C LYS B 352 1.40 4.44 16.41
N TYR B 353 0.83 4.58 15.20
CA TYR B 353 0.13 3.46 14.57
C TYR B 353 1.12 2.34 14.34
N LEU B 354 2.26 2.66 13.74
CA LEU B 354 3.30 1.67 13.45
C LEU B 354 3.72 0.89 14.72
N ALA B 355 4.02 1.60 15.81
CA ALA B 355 4.40 0.96 17.08
C ALA B 355 3.26 0.11 17.68
N LYS B 356 2.04 0.65 17.68
CA LYS B 356 0.90 -0.10 18.18
C LYS B 356 0.65 -1.41 17.41
N LEU B 357 0.70 -1.34 16.08
CA LEU B 357 0.51 -2.53 15.23
C LEU B 357 1.55 -3.62 15.54
N ARG B 358 2.82 -3.22 15.61
CA ARG B 358 3.92 -4.13 15.96
C ARG B 358 3.68 -4.88 17.28
N SER B 359 3.03 -4.19 18.23
CA SER B 359 2.88 -4.67 19.60
C SER B 359 1.67 -5.53 19.86
N ILE B 360 0.74 -5.60 18.90
CA ILE B 360 -0.50 -6.34 19.15
C ILE B 360 -0.43 -7.69 18.44
N ASN B 361 -1.34 -8.57 18.85
CA ASN B 361 -1.39 -9.93 18.33
C ASN B 361 -2.65 -10.08 17.48
N PRO B 362 -2.55 -10.83 16.35
CA PRO B 362 -3.74 -11.17 15.56
C PRO B 362 -4.91 -11.72 16.40
N PRO B 363 -6.16 -11.52 16.00
CA PRO B 363 -6.54 -10.93 14.72
C PRO B 363 -6.46 -9.42 14.75
N CYS B 364 -6.17 -8.84 13.59
CA CYS B 364 -6.31 -7.40 13.38
C CYS B 364 -6.67 -7.05 11.92
N VAL B 365 -6.99 -5.79 11.68
CA VAL B 365 -7.11 -5.28 10.31
C VAL B 365 -6.22 -4.06 10.19
N PRO B 366 -5.03 -4.24 9.58
CA PRO B 366 -4.13 -3.12 9.30
C PRO B 366 -4.75 -2.07 8.39
N PHE B 367 -4.24 -0.85 8.52
CA PHE B 367 -4.44 0.17 7.49
C PHE B 367 -3.50 -0.14 6.33
N PHE B 368 -4.07 -0.41 5.16
CA PHE B 368 -3.30 -0.83 3.97
C PHE B 368 -2.46 0.29 3.33
N GLY B 369 -2.90 1.54 3.45
CA GLY B 369 -2.27 2.67 2.75
C GLY B 369 -0.77 2.84 2.92
N ILE B 370 -0.27 2.57 4.13
CA ILE B 370 1.16 2.60 4.41
C ILE B 370 1.92 1.58 3.56
N TYR B 371 1.38 0.37 3.48
CA TYR B 371 2.02 -0.66 2.68
C TYR B 371 2.12 -0.27 1.20
N LEU B 372 1.07 0.36 0.70
CA LEU B 372 1.03 0.77 -0.68
C LEU B 372 2.10 1.79 -0.98
N THR B 373 2.17 2.82 -0.15
CA THR B 373 3.19 3.86 -0.30
C THR B 373 4.60 3.30 -0.21
N ASN B 374 4.85 2.42 0.74
CA ASN B 374 6.18 1.85 0.89
C ASN B 374 6.63 0.96 -0.30
N ILE B 375 5.71 0.17 -0.86
CA ILE B 375 6.02 -0.65 -2.03
C ILE B 375 6.34 0.26 -3.19
N LEU B 376 5.49 1.27 -3.42
CA LEU B 376 5.70 2.20 -4.51
C LEU B 376 7.05 2.88 -4.40
N LYS B 377 7.33 3.46 -3.24
CA LYS B 377 8.57 4.21 -3.03
C LYS B 377 9.81 3.33 -3.12
N THR B 378 9.71 2.10 -2.63
CA THR B 378 10.76 1.13 -2.76
C THR B 378 11.06 0.84 -4.22
N GLU B 379 10.00 0.59 -4.98
CA GLU B 379 10.19 0.31 -6.41
C GLU B 379 10.66 1.54 -7.21
N GLU B 380 10.22 2.72 -6.80
CA GLU B 380 10.58 3.93 -7.52
C GLU B 380 11.95 4.49 -7.12
N GLY B 381 12.37 4.27 -5.88
CA GLY B 381 13.57 4.92 -5.34
C GLY B 381 14.83 4.09 -5.42
N ASN B 382 14.75 2.94 -6.10
CA ASN B 382 15.89 2.04 -6.26
C ASN B 382 15.95 1.60 -7.72
N PRO B 383 17.17 1.44 -8.26
CA PRO B 383 17.30 1.09 -9.68
C PRO B 383 17.00 -0.37 -9.94
N GLU B 384 16.47 -0.64 -11.14
CA GLU B 384 16.15 -1.99 -11.57
C GLU B 384 17.42 -2.82 -11.73
N VAL B 385 18.50 -2.17 -12.19
CA VAL B 385 19.79 -2.82 -12.40
C VAL B 385 20.93 -2.05 -11.75
N LEU B 386 21.99 -2.76 -11.39
CA LEU B 386 23.22 -2.15 -10.97
C LEU B 386 24.26 -2.57 -12.01
N LYS B 387 25.25 -1.70 -12.24
CA LYS B 387 26.30 -1.98 -13.22
C LYS B 387 27.62 -2.19 -12.52
N ARG B 388 28.32 -3.25 -12.91
CA ARG B 388 29.66 -3.56 -12.39
C ARG B 388 30.54 -3.97 -13.55
N HIS B 389 31.67 -3.27 -13.71
CA HIS B 389 32.61 -3.50 -14.83
C HIS B 389 31.89 -3.50 -16.18
N GLY B 390 30.95 -2.58 -16.36
CA GLY B 390 30.18 -2.45 -17.60
C GLY B 390 29.07 -3.46 -17.81
N LYS B 391 28.87 -4.40 -16.87
CA LYS B 391 27.87 -5.45 -16.99
C LYS B 391 26.64 -5.18 -16.14
N GLU B 392 25.48 -5.53 -16.66
CA GLU B 392 24.20 -5.20 -16.07
C GLU B 392 23.79 -6.34 -15.13
N LEU B 393 23.58 -6.05 -13.85
CA LEU B 393 23.08 -7.02 -12.87
C LEU B 393 21.67 -6.65 -12.38
N ILE B 394 20.78 -7.61 -12.31
CA ILE B 394 19.46 -7.38 -11.76
C ILE B 394 19.61 -7.02 -10.28
N ASN B 395 19.01 -5.92 -9.85
CA ASN B 395 19.06 -5.48 -8.44
C ASN B 395 18.08 -6.29 -7.63
N PHE B 396 18.54 -7.37 -7.01
CA PHE B 396 17.63 -8.25 -6.29
C PHE B 396 17.21 -7.70 -4.93
N SER B 397 18.09 -6.96 -4.26
CA SER B 397 17.77 -6.40 -2.95
C SER B 397 16.54 -5.52 -2.94
N LYS B 398 16.35 -4.76 -4.01
CA LYS B 398 15.12 -4.02 -4.25
C LYS B 398 13.87 -4.87 -4.10
N ARG B 399 13.91 -6.05 -4.71
CA ARG B 399 12.79 -7.00 -4.71
C ARG B 399 12.57 -7.66 -3.36
N ARG B 400 13.68 -8.05 -2.71
CA ARG B 400 13.65 -8.48 -1.33
C ARG B 400 12.85 -7.51 -0.45
N LYS B 401 13.13 -6.22 -0.59
CA LYS B 401 12.49 -5.19 0.23
C LYS B 401 11.00 -5.24 0.02
N VAL B 402 10.58 -5.30 -1.24
CA VAL B 402 9.16 -5.41 -1.60
C VAL B 402 8.51 -6.70 -1.05
N ALA B 403 9.24 -7.82 -1.12
CA ALA B 403 8.76 -9.09 -0.59
C ALA B 403 8.65 -9.11 0.95
N GLU B 404 9.51 -8.37 1.64
CA GLU B 404 9.33 -8.14 3.08
C GLU B 404 7.97 -7.48 3.39
N ILE B 405 7.60 -6.47 2.60
CA ILE B 405 6.35 -5.74 2.83
C ILE B 405 5.17 -6.65 2.52
N THR B 406 5.19 -7.36 1.39
CA THR B 406 4.12 -8.28 1.05
C THR B 406 4.03 -9.40 2.09
N GLY B 407 5.18 -9.79 2.64
CA GLY B 407 5.24 -10.77 3.72
C GLY B 407 4.62 -10.26 5.02
N GLU B 408 4.93 -9.01 5.39
CA GLU B 408 4.28 -8.41 6.56
C GLU B 408 2.75 -8.38 6.39
N ILE B 409 2.27 -8.07 5.18
CA ILE B 409 0.82 -8.01 4.90
C ILE B 409 0.19 -9.38 5.13
N GLN B 410 0.84 -10.40 4.57
CA GLN B 410 0.37 -11.79 4.69
C GLN B 410 0.35 -12.30 6.14
N GLN B 411 1.27 -11.85 6.98
CA GLN B 411 1.33 -12.34 8.36
C GLN B 411 0.03 -11.97 9.10
N TYR B 412 -0.48 -10.77 8.86
CA TYR B 412 -1.77 -10.34 9.42
C TYR B 412 -3.02 -10.88 8.67
N GLN B 413 -2.85 -11.63 7.59
CA GLN B 413 -3.98 -12.27 6.89
C GLN B 413 -4.39 -13.69 7.37
N ASN B 414 -3.58 -14.31 8.23
CA ASN B 414 -3.77 -15.75 8.54
C ASN B 414 -4.92 -15.98 9.50
N GLN B 415 -5.02 -15.14 10.52
CA GLN B 415 -5.86 -15.35 11.70
C GLN B 415 -7.20 -14.63 11.58
N PRO B 416 -8.32 -15.38 11.54
CA PRO B 416 -9.65 -14.75 11.45
C PRO B 416 -10.18 -14.29 12.81
N TYR B 417 -11.24 -13.47 12.78
CA TYR B 417 -11.89 -13.00 14.00
C TYR B 417 -12.87 -14.02 14.54
N CYS B 418 -12.97 -14.09 15.86
CA CYS B 418 -13.92 -14.98 16.50
C CYS B 418 -15.23 -14.20 16.75
N LEU B 419 -15.95 -13.88 15.67
CA LEU B 419 -17.22 -13.12 15.75
C LEU B 419 -18.29 -13.68 14.82
N ARG B 420 -19.54 -13.76 15.29
CA ARG B 420 -20.63 -14.23 14.45
C ARG B 420 -21.08 -13.14 13.45
N VAL B 421 -21.11 -13.53 12.18
CA VAL B 421 -21.72 -12.74 11.11
C VAL B 421 -23.21 -12.62 11.37
N GLU B 422 -23.76 -11.42 11.18
CA GLU B 422 -25.19 -11.20 11.11
C GLU B 422 -25.44 -10.75 9.67
N SER B 423 -26.14 -11.59 8.91
CA SER B 423 -26.18 -11.46 7.47
C SER B 423 -26.95 -10.22 7.01
N ASP B 424 -27.94 -9.79 7.77
CA ASP B 424 -28.67 -8.56 7.45
C ASP B 424 -27.86 -7.29 7.67
N ILE B 425 -27.12 -7.22 8.77
CA ILE B 425 -26.29 -6.05 9.08
C ILE B 425 -25.13 -6.02 8.08
N LYS B 426 -24.57 -7.19 7.81
CA LYS B 426 -23.57 -7.35 6.76
C LYS B 426 -24.06 -6.77 5.42
N ARG B 427 -25.26 -7.16 4.99
CA ARG B 427 -25.87 -6.65 3.76
C ARG B 427 -25.99 -5.12 3.76
N PHE B 428 -26.52 -4.57 4.85
CA PHE B 428 -26.73 -3.14 4.97
C PHE B 428 -25.42 -2.34 4.71
N PHE B 429 -24.31 -2.78 5.31
CA PHE B 429 -23.03 -2.11 5.13
C PHE B 429 -22.36 -2.42 3.79
N GLU B 430 -22.60 -3.60 3.23
CA GLU B 430 -22.12 -3.91 1.87
C GLU B 430 -22.81 -3.05 0.81
N ASN B 431 -24.10 -2.76 0.98
CA ASN B 431 -24.92 -2.04 -0.01
C ASN B 431 -25.05 -0.54 0.29
N LEU B 432 -24.31 -0.08 1.28
CA LEU B 432 -24.22 1.35 1.63
C LEU B 432 -23.66 2.12 0.45
N ASN B 433 -24.33 3.21 0.08
CA ASN B 433 -23.93 4.01 -1.09
C ASN B 433 -24.25 5.48 -0.80
N PRO B 434 -23.44 6.14 0.05
CA PRO B 434 -23.73 7.53 0.45
C PRO B 434 -23.66 8.56 -0.67
N MET B 435 -22.81 8.31 -1.67
CA MET B 435 -22.68 9.18 -2.84
C MET B 435 -23.90 9.13 -3.77
N GLY B 436 -24.64 8.02 -3.76
CA GLY B 436 -25.74 7.82 -4.72
C GLY B 436 -25.22 7.84 -6.15
N ASN B 437 -25.98 8.50 -7.02
CA ASN B 437 -25.60 8.69 -8.42
C ASN B 437 -24.63 9.86 -8.65
N SER B 438 -24.26 10.61 -7.60
CA SER B 438 -23.40 11.79 -7.76
C SER B 438 -21.93 11.45 -7.97
N MET B 439 -21.24 12.35 -8.65
CA MET B 439 -19.80 12.28 -8.78
C MET B 439 -19.15 12.80 -7.50
N GLU B 440 -17.85 12.57 -7.37
CA GLU B 440 -17.09 12.89 -6.16
C GLU B 440 -17.18 14.37 -5.79
N LYS B 441 -16.87 15.23 -6.76
CA LYS B 441 -16.75 16.67 -6.54
C LYS B 441 -18.10 17.23 -6.09
N GLU B 442 -19.11 16.97 -6.90
CA GLU B 442 -20.51 17.29 -6.59
C GLU B 442 -20.89 16.85 -5.15
N PHE B 443 -20.57 15.60 -4.78
CA PHE B 443 -20.94 15.06 -3.48
C PHE B 443 -20.18 15.71 -2.32
N THR B 444 -18.88 15.94 -2.50
CA THR B 444 -18.11 16.52 -1.42
C THR B 444 -18.39 18.02 -1.27
N ASP B 445 -18.66 18.71 -2.37
CA ASP B 445 -19.19 20.09 -2.29
C ASP B 445 -20.54 20.13 -1.56
N TYR B 446 -21.39 19.13 -1.79
CA TYR B 446 -22.67 19.07 -1.08
C TYR B 446 -22.48 18.89 0.42
N LEU B 447 -21.59 17.99 0.83
CA LEU B 447 -21.31 17.78 2.25
C LEU B 447 -20.79 19.06 2.89
N PHE B 448 -19.92 19.79 2.18
CA PHE B 448 -19.33 21.01 2.72
C PHE B 448 -20.35 22.15 2.80
N ASN B 449 -21.15 22.34 1.76
CA ASN B 449 -22.24 23.32 1.81
C ASN B 449 -23.23 23.00 2.95
N LYS B 450 -23.46 21.71 3.18
CA LYS B 450 -24.31 21.30 4.27
C LYS B 450 -23.71 21.70 5.62
N SER B 451 -22.39 21.53 5.76
CA SER B 451 -21.68 21.93 6.95
C SER B 451 -21.82 23.42 7.18
N LEU B 452 -21.66 24.21 6.12
CA LEU B 452 -21.86 25.66 6.20
C LEU B 452 -23.30 26.05 6.58
N GLU B 453 -24.29 25.30 6.11
CA GLU B 453 -25.68 25.59 6.42
C GLU B 453 -25.95 25.40 7.91
N ILE B 454 -25.56 24.25 8.43
CA ILE B 454 -25.87 23.86 9.81
C ILE B 454 -25.05 24.59 10.90
N GLU B 455 -23.83 25.02 10.56
CA GLU B 455 -23.01 25.86 11.45
C GLU B 455 -22.29 26.86 10.56
N PRO B 456 -22.95 27.98 10.25
CA PRO B 456 -22.34 29.02 9.42
C PRO B 456 -21.05 29.61 9.98
N ARG B 457 -20.22 30.19 9.10
CA ARG B 457 -19.01 30.92 9.50
C ARG B 457 -19.31 32.11 10.41
N ASN B 458 -18.43 32.36 11.39
CA ASN B 458 -18.44 33.64 12.10
C ASN B 458 -18.36 34.79 11.06
N PRO B 459 -19.09 35.90 11.23
CA PRO B 459 -19.88 36.22 12.41
C PRO B 459 -21.35 35.74 12.39
N LYS B 460 -21.79 34.98 11.37
CA LYS B 460 -23.21 34.63 11.25
C LYS B 460 -23.66 33.81 12.46
N PRO B 461 -24.86 34.14 12.99
CA PRO B 461 -25.35 33.41 14.17
C PRO B 461 -25.81 31.99 13.83
N LEU B 462 -25.84 31.14 14.86
CA LEU B 462 -26.17 29.73 14.67
C LEU B 462 -27.68 29.57 14.57
N PRO B 463 -28.19 29.02 13.45
CA PRO B 463 -29.62 28.76 13.40
C PRO B 463 -30.02 27.53 14.22
N ARG B 464 -31.32 27.34 14.38
CA ARG B 464 -31.86 26.12 14.95
C ARG B 464 -32.51 25.33 13.83
N PHE B 465 -32.63 24.03 14.03
CA PHE B 465 -33.19 23.15 13.02
C PHE B 465 -34.03 22.12 13.73
N PRO B 466 -35.10 21.66 13.07
CA PRO B 466 -35.97 20.68 13.73
C PRO B 466 -35.31 19.29 13.85
N LYS B 467 -35.76 18.53 14.84
CA LYS B 467 -35.37 17.14 15.01
C LYS B 467 -35.88 16.27 13.84
N LYS B 468 -35.07 15.29 13.43
CA LYS B 468 -35.43 14.30 12.39
C LYS B 468 -35.63 12.87 12.93
N TYR B 469 -35.18 12.57 14.15
CA TYR B 469 -35.24 11.22 14.67
C TYR B 469 -36.38 11.11 15.67
N SER B 470 -37.33 10.23 15.37
CA SER B 470 -38.49 9.97 16.23
C SER B 470 -38.28 8.89 17.32
N TYR B 471 -37.07 8.34 17.41
CA TYR B 471 -36.70 7.35 18.44
C TYR B 471 -35.70 7.99 19.44
N PRO B 472 -35.48 7.36 20.61
CA PRO B 472 -34.57 7.97 21.58
C PRO B 472 -33.10 7.95 21.15
N LEU B 473 -32.37 8.99 21.54
CA LEU B 473 -30.98 9.25 21.10
C LEU B 473 -29.91 8.66 22.02
N LYS B 474 -30.31 8.19 23.20
CA LYS B 474 -29.34 7.73 24.21
C LYS B 474 -28.71 6.45 23.73
N SER B 475 -27.39 6.35 23.87
CA SER B 475 -26.65 5.16 23.46
C SER B 475 -26.80 4.03 24.49
N PRO B 476 -26.89 2.77 24.03
CA PRO B 476 -26.80 1.65 24.98
C PRO B 476 -25.38 1.46 25.51
N GLY B 477 -24.41 2.17 24.94
CA GLY B 477 -23.04 2.06 25.38
C GLY B 477 -22.35 0.93 24.65
N VAL B 478 -21.16 0.66 25.11
CA VAL B 478 -20.17 -0.08 24.39
C VAL B 478 -19.72 -1.36 25.14
N ARG B 479 -20.44 -1.68 26.22
CA ARG B 479 -20.19 -2.88 27.04
C ARG B 479 -21.25 -3.93 26.70
N PRO B 480 -20.84 -5.20 26.50
CA PRO B 480 -21.78 -6.32 26.28
C PRO B 480 -22.93 -6.41 27.28
N SER B 481 -24.10 -6.82 26.79
CA SER B 481 -25.33 -6.82 27.57
C SER B 481 -25.50 -8.07 28.45
N ASN B 482 -24.93 -9.20 28.01
CA ASN B 482 -25.08 -10.50 28.69
C ASN B 482 -23.73 -11.17 28.95
N PRO B 483 -23.66 -12.09 29.93
CA PRO B 483 -22.41 -12.78 30.26
C PRO B 483 -22.01 -13.93 29.33
N ARG B 484 -20.80 -13.86 28.75
CA ARG B 484 -20.15 -15.00 28.08
C ARG B 484 -20.98 -15.54 26.90
#